data_3QXW
#
_entry.id   3QXW
#
_cell.length_a   39.043
_cell.length_b   59.167
_cell.length_c   131.425
_cell.angle_alpha   90.00
_cell.angle_beta   92.20
_cell.angle_gamma   90.00
#
_symmetry.space_group_name_H-M   'P 1 21 1'
#
loop_
_entity.id
_entity.type
_entity.pdbx_description
1 polymer 'Anti-Methotrexate CDR1-4 Graft VHH'
2 non-polymer 'SODIUM ION'
3 non-polymer 'SULFATE ION'
4 water water
#
_entity_poly.entity_id   1
_entity_poly.type   'polypeptide(L)'
_entity_poly.pdbx_seq_one_letter_code
;GSQVQLVESGGGLVQAGGSLRLSCAASRRSSRSWAMAWFRQAPGKEREFVAKISGDGRLTTYGDSVKGRFTISRDNAEYL
VYLQMDSLKPEDTAVYYCAADDNYVTASWRSGPDYWGQGTQVTVSS
;
_entity_poly.pdbx_strand_id   A,B,C,D,E
#
loop_
_chem_comp.id
_chem_comp.type
_chem_comp.name
_chem_comp.formula
NA non-polymer 'SODIUM ION' 'Na 1'
SO4 non-polymer 'SULFATE ION' 'O4 S -2'
#
# COMPACT_ATOMS: atom_id res chain seq x y z
N GLN A 3 -25.37 -17.22 22.73
CA GLN A 3 -25.45 -17.44 21.25
C GLN A 3 -24.36 -16.76 20.39
N VAL A 4 -23.81 -17.56 19.50
CA VAL A 4 -22.67 -17.21 18.69
C VAL A 4 -23.01 -17.71 17.26
N GLN A 5 -22.74 -16.91 16.23
CA GLN A 5 -22.80 -17.50 14.91
C GLN A 5 -21.53 -17.22 14.15
N LEU A 6 -21.15 -18.19 13.35
CA LEU A 6 -19.77 -18.32 12.89
C LEU A 6 -19.77 -18.43 11.38
N VAL A 7 -18.92 -17.66 10.70
CA VAL A 7 -18.75 -17.77 9.25
C VAL A 7 -17.29 -17.87 8.90
N GLU A 8 -16.90 -18.98 8.26
CA GLU A 8 -15.54 -19.19 7.74
C GLU A 8 -15.35 -18.61 6.35
N SER A 9 -14.15 -18.06 6.08
CA SER A 9 -13.77 -17.52 4.77
C SER A 9 -12.33 -17.91 4.51
N GLY A 10 -11.89 -17.85 3.25
CA GLY A 10 -10.47 -17.92 2.98
C GLY A 10 -10.06 -19.23 2.33
N GLY A 11 -10.99 -20.15 2.15
CA GLY A 11 -10.63 -21.45 1.63
C GLY A 11 -10.32 -21.36 0.14
N GLY A 12 -9.88 -22.48 -0.43
CA GLY A 12 -9.83 -22.67 -1.89
C GLY A 12 -8.73 -23.66 -2.29
N LEU A 13 -8.10 -23.42 -3.44
CA LEU A 13 -7.11 -24.32 -4.02
C LEU A 13 -5.70 -23.83 -3.80
N VAL A 14 -4.85 -24.74 -3.37
CA VAL A 14 -3.46 -24.41 -3.04
C VAL A 14 -2.56 -25.58 -3.43
N GLN A 15 -1.33 -25.27 -3.81
CA GLN A 15 -0.40 -26.30 -4.23
C GLN A 15 0.29 -26.83 -2.98
N ALA A 16 0.60 -28.13 -3.00
CA ALA A 16 1.25 -28.70 -1.82
C ALA A 16 2.56 -27.95 -1.52
N GLY A 17 2.88 -27.80 -0.24
CA GLY A 17 4.11 -27.05 0.14
C GLY A 17 3.77 -25.59 0.43
N GLY A 18 2.63 -25.11 -0.07
CA GLY A 18 2.23 -23.69 0.04
C GLY A 18 1.48 -23.38 1.32
N SER A 19 0.94 -22.16 1.43
CA SER A 19 0.23 -21.73 2.62
C SER A 19 -1.08 -21.08 2.27
N LEU A 20 -2.01 -21.05 3.24
CA LEU A 20 -3.31 -20.46 3.05
C LEU A 20 -3.72 -19.95 4.42
N ARG A 21 -4.53 -18.91 4.47
CA ARG A 21 -4.96 -18.37 5.77
C ARG A 21 -6.45 -18.45 5.74
N LEU A 22 -7.05 -18.98 6.82
CA LEU A 22 -8.51 -19.06 6.93
C LEU A 22 -8.84 -18.07 8.03
N SER A 23 -10.09 -17.65 8.04
CA SER A 23 -10.61 -16.90 9.12
C SER A 23 -12.00 -17.31 9.44
N CYS A 24 -12.34 -17.14 10.72
CA CYS A 24 -13.70 -17.39 11.22
C CYS A 24 -14.30 -16.13 11.88
N ALA A 25 -15.42 -15.64 11.38
CA ALA A 25 -15.97 -14.39 11.86
C ALA A 25 -17.14 -14.65 12.78
N ALA A 26 -17.07 -14.11 13.98
CA ALA A 26 -18.19 -14.20 14.86
C ALA A 26 -19.03 -12.93 14.71
N SER A 27 -20.32 -13.06 14.97
CA SER A 27 -21.21 -11.94 14.76
C SER A 27 -21.27 -10.92 15.91
N ARG A 28 -20.79 -11.28 17.09
CA ARG A 28 -20.98 -10.42 18.27
C ARG A 28 -19.76 -10.28 19.18
N ARG A 29 -19.65 -9.12 19.84
CA ARG A 29 -18.56 -8.88 20.82
C ARG A 29 -18.37 -10.02 21.85
N SER A 30 -19.49 -10.57 22.33
CA SER A 30 -19.49 -11.64 23.33
C SER A 30 -18.70 -12.89 22.93
N SER A 31 -18.46 -13.07 21.62
CA SER A 31 -17.68 -14.19 21.14
C SER A 31 -16.33 -14.33 21.90
N ARG A 32 -15.83 -13.20 22.40
CA ARG A 32 -14.55 -13.15 23.12
C ARG A 32 -14.54 -14.08 24.32
N SER A 33 -15.73 -14.36 24.90
CA SER A 33 -15.85 -15.25 26.05
C SER A 33 -15.78 -16.73 25.69
N TRP A 34 -15.77 -17.05 24.39
CA TRP A 34 -15.78 -18.42 23.94
C TRP A 34 -14.41 -18.85 23.46
N ALA A 35 -14.02 -20.06 23.80
CA ALA A 35 -12.91 -20.73 23.12
C ALA A 35 -13.35 -21.00 21.70
N MET A 36 -12.40 -20.94 20.77
CA MET A 36 -12.79 -21.18 19.41
C MET A 36 -11.85 -22.27 18.89
N ALA A 37 -12.31 -23.04 17.92
CA ALA A 37 -11.57 -24.21 17.48
C ALA A 37 -11.82 -24.38 16.02
N TRP A 38 -10.82 -24.93 15.32
CA TRP A 38 -10.99 -25.39 13.96
C TRP A 38 -10.96 -26.93 13.96
N PHE A 39 -11.88 -27.52 13.20
CA PHE A 39 -11.92 -28.99 12.92
C PHE A 39 -11.90 -29.10 11.38
N ARG A 40 -11.75 -30.30 10.84
CA ARG A 40 -11.86 -30.47 9.39
C ARG A 40 -12.41 -31.82 9.10
N GLN A 41 -13.03 -31.94 7.94
CA GLN A 41 -13.64 -33.21 7.59
C GLN A 41 -13.51 -33.42 6.09
N ALA A 42 -12.92 -34.55 5.76
CA ALA A 42 -12.96 -34.95 4.36
C ALA A 42 -14.18 -35.90 4.18
N PRO A 43 -14.81 -35.86 2.98
CA PRO A 43 -16.08 -36.57 2.81
C PRO A 43 -15.88 -38.05 3.07
N GLY A 44 -16.73 -38.64 3.89
CA GLY A 44 -16.59 -40.06 4.24
C GLY A 44 -15.64 -40.32 5.42
N LYS A 45 -14.92 -39.29 5.87
CA LYS A 45 -14.05 -39.47 7.03
C LYS A 45 -14.58 -38.81 8.29
N GLU A 46 -13.95 -39.14 9.42
CA GLU A 46 -14.43 -38.60 10.66
C GLU A 46 -13.95 -37.15 10.71
N ARG A 47 -14.73 -36.30 11.34
CA ARG A 47 -14.29 -34.93 11.57
C ARG A 47 -13.10 -35.01 12.50
N GLU A 48 -12.14 -34.11 12.33
CA GLU A 48 -10.87 -34.22 13.01
C GLU A 48 -10.60 -32.88 13.63
N PHE A 49 -10.15 -32.88 14.89
CA PHE A 49 -9.66 -31.65 15.50
C PHE A 49 -8.38 -31.12 14.88
N VAL A 50 -8.32 -29.79 14.72
CA VAL A 50 -7.14 -29.10 14.06
C VAL A 50 -6.44 -28.19 15.04
N ALA A 51 -7.16 -27.23 15.63
CA ALA A 51 -6.55 -26.30 16.55
C ALA A 51 -7.57 -25.59 17.43
N LYS A 52 -7.18 -25.16 18.64
CA LYS A 52 -8.09 -24.37 19.41
C LYS A 52 -7.36 -23.24 20.14
N ILE A 53 -8.15 -22.28 20.59
CA ILE A 53 -7.60 -21.09 21.26
C ILE A 53 -8.56 -20.56 22.33
N SER A 54 -8.02 -20.11 23.48
CA SER A 54 -8.87 -19.68 24.55
C SER A 54 -9.49 -18.31 24.25
N GLY A 55 -10.55 -17.98 24.96
CA GLY A 55 -11.19 -16.66 24.84
C GLY A 55 -10.16 -15.54 24.77
N ASP A 56 -9.21 -15.51 25.73
CA ASP A 56 -8.25 -14.42 25.81
C ASP A 56 -6.99 -14.62 24.96
N GLY A 57 -6.98 -15.69 24.16
CA GLY A 57 -5.87 -16.00 23.25
C GLY A 57 -4.65 -16.60 23.91
N ARG A 58 -4.64 -16.72 25.25
CA ARG A 58 -3.43 -17.16 25.93
C ARG A 58 -3.15 -18.67 25.85
N LEU A 59 -4.18 -19.47 25.56
CA LEU A 59 -3.95 -20.92 25.49
C LEU A 59 -4.21 -21.34 24.05
N THR A 60 -3.33 -22.16 23.48
CA THR A 60 -3.65 -22.82 22.19
C THR A 60 -3.15 -24.28 22.21
N THR A 61 -3.83 -25.14 21.44
CA THR A 61 -3.54 -26.56 21.38
C THR A 61 -3.75 -26.96 19.90
N TYR A 62 -2.93 -27.89 19.39
CA TYR A 62 -3.04 -28.36 17.99
C TYR A 62 -3.22 -29.87 17.90
N GLY A 63 -3.91 -30.34 16.86
CA GLY A 63 -3.92 -31.78 16.53
C GLY A 63 -2.53 -32.23 16.11
N ASP A 64 -2.20 -33.50 16.38
CA ASP A 64 -0.84 -33.95 16.22
C ASP A 64 -0.37 -33.78 14.77
N SER A 65 -1.28 -33.91 13.80
CA SER A 65 -0.88 -33.96 12.40
C SER A 65 -0.58 -32.60 11.79
N VAL A 66 -0.90 -31.52 12.53
CA VAL A 66 -0.71 -30.13 12.03
C VAL A 66 0.24 -29.33 12.93
N LYS A 67 0.70 -29.95 14.02
CA LYS A 67 1.59 -29.26 14.96
C LYS A 67 2.82 -28.78 14.22
N GLY A 68 3.15 -27.49 14.41
CA GLY A 68 4.38 -26.87 13.85
C GLY A 68 4.21 -26.42 12.37
N ARG A 69 3.07 -26.72 11.77
CA ARG A 69 2.75 -26.23 10.40
C ARG A 69 1.62 -25.20 10.46
N PHE A 70 0.71 -25.34 11.44
CA PHE A 70 -0.48 -24.43 11.46
C PHE A 70 -0.41 -23.56 12.72
N THR A 71 -0.97 -22.35 12.65
CA THR A 71 -0.95 -21.45 13.78
C THR A 71 -2.35 -20.88 13.92
N ILE A 72 -2.94 -20.98 15.13
CA ILE A 72 -4.24 -20.41 15.37
C ILE A 72 -4.01 -19.13 16.21
N SER A 73 -4.80 -18.11 15.93
CA SER A 73 -4.71 -16.86 16.63
C SER A 73 -6.07 -16.18 16.59
N ARG A 74 -6.24 -15.09 17.33
CA ARG A 74 -7.55 -14.41 17.28
C ARG A 74 -7.44 -12.93 17.49
N ASP A 75 -8.43 -12.19 17.00
CA ASP A 75 -8.45 -10.71 17.09
C ASP A 75 -9.82 -10.39 17.67
N ASN A 76 -9.86 -10.12 18.96
CA ASN A 76 -11.16 -9.91 19.59
C ASN A 76 -11.75 -8.54 19.33
N ALA A 77 -10.96 -7.65 18.72
CA ALA A 77 -11.51 -6.38 18.26
C ALA A 77 -12.40 -6.54 17.00
N GLU A 78 -11.99 -7.39 16.09
CA GLU A 78 -12.75 -7.67 14.87
C GLU A 78 -13.63 -8.97 15.02
N TYR A 79 -13.46 -9.68 16.13
CA TYR A 79 -14.17 -10.95 16.42
C TYR A 79 -13.82 -12.02 15.41
N LEU A 80 -12.57 -12.09 15.04
CA LEU A 80 -12.09 -13.08 14.07
C LEU A 80 -11.19 -14.05 14.74
N VAL A 81 -11.22 -15.29 14.30
CA VAL A 81 -10.18 -16.27 14.71
C VAL A 81 -9.52 -16.70 13.43
N TYR A 82 -8.19 -16.83 13.43
CA TYR A 82 -7.49 -17.08 12.18
C TYR A 82 -6.81 -18.42 12.20
N LEU A 83 -6.71 -19.07 11.03
CA LEU A 83 -5.86 -20.25 10.95
C LEU A 83 -4.88 -20.08 9.80
N GLN A 84 -3.62 -19.95 10.17
CA GLN A 84 -2.55 -19.80 9.19
C GLN A 84 -2.00 -21.19 8.92
N MET A 85 -2.08 -21.67 7.66
CA MET A 85 -1.69 -23.05 7.36
C MET A 85 -0.44 -22.96 6.50
N ASP A 86 0.64 -23.55 6.95
CA ASP A 86 1.90 -23.56 6.16
C ASP A 86 2.26 -24.97 5.81
N SER A 87 3.12 -25.13 4.81
CA SER A 87 3.64 -26.45 4.39
C SER A 87 2.50 -27.41 4.12
N LEU A 88 1.52 -26.97 3.34
CA LEU A 88 0.30 -27.77 3.19
C LEU A 88 0.60 -29.13 2.56
N LYS A 89 -0.14 -30.18 2.96
CA LYS A 89 0.06 -31.51 2.32
C LYS A 89 -1.26 -31.99 1.71
N PRO A 90 -1.21 -32.90 0.72
CA PRO A 90 -2.51 -33.31 0.17
C PRO A 90 -3.51 -33.88 1.22
N GLU A 91 -3.01 -34.40 2.32
CA GLU A 91 -3.87 -34.93 3.40
C GLU A 91 -4.48 -33.81 4.27
N ASP A 92 -4.17 -32.57 3.93
CA ASP A 92 -4.83 -31.45 4.57
C ASP A 92 -6.11 -31.09 3.82
N THR A 93 -6.38 -31.71 2.69
CA THR A 93 -7.58 -31.43 1.96
C THR A 93 -8.85 -31.78 2.74
N ALA A 94 -9.72 -30.81 2.87
CA ALA A 94 -10.94 -30.96 3.66
C ALA A 94 -11.83 -29.75 3.73
N VAL A 95 -12.98 -29.97 4.28
CA VAL A 95 -13.81 -28.89 4.69
C VAL A 95 -13.36 -28.48 6.09
N TYR A 96 -13.05 -27.23 6.28
CA TYR A 96 -12.58 -26.74 7.53
C TYR A 96 -13.69 -25.95 8.24
N TYR A 97 -13.97 -26.34 9.48
CA TYR A 97 -15.09 -25.82 10.28
C TYR A 97 -14.58 -25.06 11.46
N CYS A 98 -15.09 -23.87 11.71
N CYS A 98 -15.19 -23.92 11.72
CA CYS A 98 -14.80 -23.26 13.00
CA CYS A 98 -14.95 -23.18 12.94
C CYS A 98 -15.96 -23.44 14.00
C CYS A 98 -16.00 -23.53 14.00
N ALA A 99 -15.62 -23.54 15.27
CA ALA A 99 -16.59 -23.96 16.33
C ALA A 99 -16.35 -23.13 17.56
N ALA A 100 -17.39 -22.90 18.35
CA ALA A 100 -17.22 -22.24 19.64
C ALA A 100 -17.67 -23.10 20.81
N ASP A 101 -16.95 -22.99 21.92
CA ASP A 101 -17.21 -23.77 23.13
C ASP A 101 -16.94 -22.88 24.33
N ASP A 102 -17.88 -22.78 25.25
CA ASP A 102 -17.65 -21.95 26.44
C ASP A 102 -16.53 -22.57 27.30
N ASN A 103 -16.22 -23.85 27.04
CA ASN A 103 -15.25 -24.61 27.83
C ASN A 103 -14.04 -24.93 26.94
N TYR A 104 -12.94 -24.25 27.23
CA TYR A 104 -11.74 -24.47 26.44
C TYR A 104 -11.34 -25.96 26.35
N VAL A 105 -11.46 -26.69 27.46
CA VAL A 105 -10.93 -28.05 27.50
C VAL A 105 -11.73 -28.95 26.54
N THR A 106 -13.05 -28.76 26.49
CA THR A 106 -13.88 -29.63 25.61
C THR A 106 -13.93 -29.14 24.17
N ALA A 107 -13.28 -28.01 23.89
CA ALA A 107 -13.31 -27.42 22.54
C ALA A 107 -12.62 -28.29 21.49
N SER A 108 -11.74 -29.19 21.93
CA SER A 108 -11.05 -30.09 20.96
C SER A 108 -11.76 -31.45 20.81
N TRP A 109 -12.85 -31.62 21.56
CA TRP A 109 -13.62 -32.89 21.58
C TRP A 109 -14.80 -32.73 20.63
N ARG A 110 -15.10 -33.74 19.83
CA ARG A 110 -16.15 -33.63 18.76
C ARG A 110 -17.48 -33.15 19.38
N SER A 111 -17.77 -33.63 20.57
CA SER A 111 -19.06 -33.32 21.20
C SER A 111 -19.08 -32.04 22.03
N GLY A 112 -17.94 -31.34 22.11
CA GLY A 112 -17.81 -30.19 23.05
C GLY A 112 -18.51 -28.91 22.52
N PRO A 113 -18.13 -28.45 21.32
CA PRO A 113 -18.54 -27.11 20.96
C PRO A 113 -20.07 -26.98 20.95
N ASP A 114 -20.69 -25.90 21.22
CA ASP A 114 -22.12 -25.65 21.11
C ASP A 114 -22.53 -25.03 19.77
N TYR A 115 -21.56 -24.46 19.07
CA TYR A 115 -21.82 -23.70 17.81
C TYR A 115 -20.84 -23.99 16.75
N TRP A 116 -21.30 -24.18 15.52
CA TRP A 116 -20.44 -24.54 14.38
C TRP A 116 -20.73 -23.64 13.22
N GLY A 117 -19.72 -23.41 12.42
CA GLY A 117 -19.96 -22.75 11.12
C GLY A 117 -20.36 -23.76 10.06
N GLN A 118 -20.64 -23.26 8.86
CA GLN A 118 -20.99 -24.15 7.74
C GLN A 118 -19.78 -24.77 7.06
N GLY A 119 -18.60 -24.17 7.25
CA GLY A 119 -17.33 -24.71 6.71
C GLY A 119 -16.78 -23.94 5.52
N THR A 120 -15.51 -24.11 5.25
CA THR A 120 -14.90 -23.59 4.02
C THR A 120 -13.97 -24.67 3.43
N GLN A 121 -14.06 -24.87 2.11
CA GLN A 121 -13.35 -26.00 1.46
C GLN A 121 -11.89 -25.62 1.25
N VAL A 122 -10.98 -26.54 1.58
CA VAL A 122 -9.57 -26.34 1.26
C VAL A 122 -9.11 -27.52 0.45
N THR A 123 -8.53 -27.29 -0.72
CA THR A 123 -8.13 -28.41 -1.54
C THR A 123 -6.67 -28.21 -1.88
N VAL A 124 -5.85 -29.17 -1.42
CA VAL A 124 -4.41 -29.12 -1.66
C VAL A 124 -4.09 -30.13 -2.74
N SER A 125 -3.62 -29.62 -3.86
CA SER A 125 -3.34 -30.49 -4.97
C SER A 125 -1.90 -30.96 -4.88
N SER A 126 -1.72 -32.29 -5.03
CA SER A 126 -0.42 -32.98 -5.23
C SER A 126 -0.35 -34.37 -4.60
N GLN B 3 14.77 -0.69 -42.07
CA GLN B 3 15.81 -1.01 -41.04
C GLN B 3 15.27 -0.94 -39.62
N VAL B 4 15.58 0.12 -38.86
CA VAL B 4 14.96 0.27 -37.53
C VAL B 4 13.53 0.75 -37.62
N GLN B 5 12.66 0.07 -36.91
CA GLN B 5 11.30 0.49 -36.78
C GLN B 5 11.02 0.57 -35.29
N LEU B 6 10.48 1.69 -34.84
CA LEU B 6 9.89 1.77 -33.50
C LEU B 6 8.39 1.61 -33.65
N VAL B 7 7.77 0.77 -32.81
CA VAL B 7 6.32 0.60 -32.86
C VAL B 7 5.71 0.81 -31.46
N GLU B 8 4.85 1.80 -31.36
CA GLU B 8 4.13 2.11 -30.11
C GLU B 8 2.90 1.24 -29.99
N SER B 9 2.56 0.85 -28.76
CA SER B 9 1.32 0.09 -28.52
C SER B 9 0.74 0.54 -27.19
N GLY B 10 -0.54 0.26 -26.97
CA GLY B 10 -1.15 0.52 -25.64
C GLY B 10 -2.05 1.76 -25.57
N GLY B 11 -2.18 2.44 -26.69
CA GLY B 11 -3.01 3.64 -26.69
C GLY B 11 -4.47 3.25 -26.56
N GLY B 12 -5.33 4.23 -26.41
CA GLY B 12 -6.74 3.92 -26.35
C GLY B 12 -7.50 5.00 -25.62
N LEU B 13 -8.72 4.65 -25.21
CA LEU B 13 -9.64 5.54 -24.51
C LEU B 13 -9.51 5.36 -23.01
N VAL B 14 -9.39 6.46 -22.24
CA VAL B 14 -9.36 6.35 -20.79
C VAL B 14 -10.16 7.50 -20.16
N GLN B 15 -10.79 7.24 -19.01
CA GLN B 15 -11.45 8.30 -18.22
C GLN B 15 -10.49 9.16 -17.41
N ALA B 16 -10.89 10.42 -17.19
CA ALA B 16 -10.13 11.33 -16.32
C ALA B 16 -9.82 10.69 -14.97
N GLY B 17 -8.59 10.85 -14.54
CA GLY B 17 -8.18 10.30 -13.28
C GLY B 17 -7.55 8.95 -13.49
N GLY B 18 -7.78 8.36 -14.66
CA GLY B 18 -7.39 6.98 -14.93
C GLY B 18 -5.91 6.86 -15.31
N SER B 19 -5.50 5.62 -15.57
CA SER B 19 -4.13 5.26 -15.92
C SER B 19 -4.07 4.52 -17.24
N LEU B 20 -2.91 4.54 -17.86
CA LEU B 20 -2.73 3.82 -19.09
C LEU B 20 -1.24 3.47 -19.19
N ARG B 21 -0.93 2.36 -19.84
CA ARG B 21 0.48 1.96 -20.07
C ARG B 21 0.76 1.87 -21.55
N LEU B 22 1.67 2.72 -22.02
CA LEU B 22 2.13 2.65 -23.40
C LEU B 22 3.44 1.88 -23.41
N SER B 23 3.74 1.25 -24.53
CA SER B 23 5.06 0.69 -24.72
C SER B 23 5.53 0.96 -26.12
N CYS B 24 6.83 0.81 -26.34
CA CYS B 24 7.41 1.01 -27.63
C CYS B 24 8.45 -0.08 -27.83
N ALA B 25 8.32 -0.84 -28.92
CA ALA B 25 9.18 -1.96 -29.23
C ALA B 25 10.20 -1.53 -30.29
N ALA B 26 11.48 -1.71 -29.99
CA ALA B 26 12.55 -1.49 -30.98
C ALA B 26 12.91 -2.81 -31.69
N SER B 27 13.29 -2.77 -32.97
CA SER B 27 13.57 -4.05 -33.65
C SER B 27 14.96 -4.63 -33.32
N ARG B 28 15.84 -3.76 -32.81
CA ARG B 28 17.30 -4.01 -32.75
C ARG B 28 17.91 -4.24 -31.32
N ARG B 29 18.80 -5.22 -31.22
CA ARG B 29 19.74 -5.32 -30.11
C ARG B 29 20.45 -4.00 -29.77
N SER B 30 20.90 -3.28 -30.78
CA SER B 30 21.54 -1.96 -30.61
C SER B 30 20.72 -0.96 -29.77
N SER B 31 19.38 -1.08 -29.80
CA SER B 31 18.49 -0.19 -29.03
C SER B 31 18.86 -0.04 -27.53
N ARG B 32 19.45 -1.06 -26.92
CA ARG B 32 19.88 -0.97 -25.52
C ARG B 32 20.90 0.15 -25.30
N SER B 33 21.55 0.58 -26.38
CA SER B 33 22.44 1.73 -26.29
C SER B 33 21.77 3.10 -26.61
N TRP B 34 20.51 3.09 -26.99
CA TRP B 34 19.82 4.32 -27.38
C TRP B 34 19.06 4.85 -26.16
N ALA B 35 19.17 6.16 -25.95
CA ALA B 35 18.24 6.93 -25.14
C ALA B 35 16.91 6.83 -25.86
N MET B 36 15.86 6.63 -25.09
CA MET B 36 14.55 6.53 -25.69
C MET B 36 13.68 7.63 -25.11
N ALA B 37 12.77 8.14 -25.93
CA ALA B 37 11.93 9.25 -25.48
C ALA B 37 10.47 9.06 -25.90
N TRP B 38 9.57 9.71 -25.18
CA TRP B 38 8.20 9.85 -25.60
C TRP B 38 7.95 11.35 -25.81
N PHE B 39 7.29 11.69 -26.91
CA PHE B 39 6.73 13.00 -27.22
C PHE B 39 5.24 12.81 -27.47
N ARG B 40 4.50 13.91 -27.50
CA ARG B 40 3.10 13.81 -27.81
C ARG B 40 2.72 14.98 -28.66
N GLN B 41 1.73 14.78 -29.52
CA GLN B 41 1.25 15.89 -30.29
C GLN B 41 -0.28 15.98 -30.18
N ALA B 42 -0.76 17.02 -29.52
CA ALA B 42 -2.17 17.26 -29.37
C ALA B 42 -2.71 17.86 -30.69
N PRO B 43 -4.03 17.78 -30.92
CA PRO B 43 -4.52 18.16 -32.24
C PRO B 43 -4.30 19.65 -32.48
N GLY B 44 -3.58 19.98 -33.56
CA GLY B 44 -3.25 21.37 -33.90
C GLY B 44 -2.06 22.00 -33.17
N LYS B 45 -1.42 21.26 -32.26
CA LYS B 45 -0.27 21.76 -31.50
C LYS B 45 1.06 21.18 -31.98
N GLU B 46 2.16 21.79 -31.56
CA GLU B 46 3.47 21.27 -31.91
C GLU B 46 3.78 20.08 -31.03
N ARG B 47 4.62 19.20 -31.55
CA ARG B 47 5.08 18.04 -30.79
C ARG B 47 5.83 18.45 -29.53
N GLU B 48 5.48 17.84 -28.39
CA GLU B 48 6.11 18.23 -27.14
C GLU B 48 6.76 17.08 -26.43
N PHE B 49 7.88 17.38 -25.79
CA PHE B 49 8.65 16.35 -25.07
C PHE B 49 7.88 15.90 -23.79
N VAL B 50 7.84 14.60 -23.56
CA VAL B 50 7.12 14.06 -22.37
C VAL B 50 8.06 13.43 -21.37
N ALA B 51 8.92 12.51 -21.86
CA ALA B 51 9.84 11.80 -20.99
C ALA B 51 10.98 11.16 -21.78
N LYS B 52 12.15 11.03 -21.17
CA LYS B 52 13.21 10.26 -21.81
C LYS B 52 13.92 9.41 -20.79
N ILE B 53 14.66 8.43 -21.31
CA ILE B 53 15.33 7.44 -20.47
C ILE B 53 16.68 7.06 -21.06
N SER B 54 17.73 6.96 -20.26
CA SER B 54 19.02 6.56 -20.80
C SER B 54 19.02 5.09 -21.22
N GLY B 55 20.04 4.75 -22.03
CA GLY B 55 20.31 3.41 -22.50
C GLY B 55 20.17 2.39 -21.40
N ASP B 56 20.82 2.62 -20.26
CA ASP B 56 20.70 1.69 -19.15
C ASP B 56 19.59 1.91 -18.15
N GLY B 57 18.81 2.97 -18.28
CA GLY B 57 17.67 3.13 -17.35
C GLY B 57 17.88 4.00 -16.12
N ARG B 58 19.14 4.35 -15.84
CA ARG B 58 19.45 5.17 -14.66
C ARG B 58 19.10 6.66 -14.70
N LEU B 59 19.02 7.25 -15.90
CA LEU B 59 18.69 8.68 -16.05
C LEU B 59 17.32 8.83 -16.65
N THR B 60 16.45 9.66 -16.05
CA THR B 60 15.14 9.90 -16.65
C THR B 60 14.87 11.40 -16.51
N THR B 61 14.16 11.97 -17.46
CA THR B 61 13.78 13.36 -17.34
C THR B 61 12.42 13.48 -17.95
N TYR B 62 11.64 14.40 -17.44
CA TYR B 62 10.24 14.55 -17.77
C TYR B 62 9.92 15.97 -18.23
N GLY B 63 8.91 16.04 -19.07
CA GLY B 63 8.38 17.27 -19.57
C GLY B 63 7.65 18.04 -18.52
N ASP B 64 7.54 19.33 -18.75
CA ASP B 64 6.99 20.21 -17.76
C ASP B 64 5.59 19.86 -17.31
N SER B 65 4.79 19.42 -18.24
CA SER B 65 3.45 19.11 -17.90
C SER B 65 3.18 17.81 -17.17
N VAL B 66 4.18 16.96 -17.00
CA VAL B 66 3.87 15.68 -16.40
C VAL B 66 3.62 15.73 -14.89
N LYS B 67 4.38 16.57 -14.23
CA LYS B 67 4.18 16.87 -12.83
C LYS B 67 4.06 15.65 -11.97
N GLY B 68 5.00 14.75 -12.13
CA GLY B 68 5.09 13.57 -11.33
C GLY B 68 4.11 12.46 -11.61
N ARG B 69 3.32 12.60 -12.65
CA ARG B 69 2.26 11.67 -12.96
C ARG B 69 2.65 10.47 -13.81
N PHE B 70 3.73 10.59 -14.57
CA PHE B 70 4.11 9.58 -15.53
C PHE B 70 5.45 8.97 -15.09
N THR B 71 5.66 7.70 -15.39
CA THR B 71 6.95 7.07 -15.17
C THR B 71 7.41 6.42 -16.42
N ILE B 72 8.61 6.82 -16.87
CA ILE B 72 9.22 6.14 -17.99
C ILE B 72 10.16 5.07 -17.44
N SER B 73 10.18 3.91 -18.07
CA SER B 73 11.10 2.83 -17.65
C SER B 73 11.34 1.97 -18.90
N ARG B 74 12.24 1.00 -18.79
CA ARG B 74 12.56 0.20 -19.99
C ARG B 74 12.94 -1.21 -19.66
N ASP B 75 12.82 -2.10 -20.63
CA ASP B 75 13.21 -3.47 -20.37
C ASP B 75 14.11 -3.88 -21.53
N ASN B 76 15.41 -3.87 -21.29
CA ASN B 76 16.35 -4.14 -22.41
C ASN B 76 16.40 -5.63 -22.78
N ALA B 77 15.83 -6.52 -21.97
CA ALA B 77 15.73 -7.91 -22.42
C ALA B 77 14.66 -8.11 -23.54
N GLU B 78 13.67 -7.24 -23.62
CA GLU B 78 12.62 -7.34 -24.68
C GLU B 78 12.71 -6.17 -25.67
N TYR B 79 13.65 -5.26 -25.43
CA TYR B 79 13.80 -4.04 -26.25
C TYR B 79 12.55 -3.20 -26.20
N LEU B 80 11.97 -3.07 -25.01
CA LEU B 80 10.74 -2.28 -24.80
C LEU B 80 11.03 -1.05 -23.92
N VAL B 81 10.37 0.05 -24.25
CA VAL B 81 10.38 1.21 -23.37
C VAL B 81 8.93 1.44 -23.02
N TYR B 82 8.69 1.74 -21.75
CA TYR B 82 7.32 1.90 -21.24
C TYR B 82 7.08 3.32 -20.79
N LEU B 83 5.82 3.74 -20.90
CA LEU B 83 5.38 4.97 -20.27
C LEU B 83 4.14 4.66 -19.42
N GLN B 84 4.28 4.69 -18.09
CA GLN B 84 3.13 4.49 -17.22
C GLN B 84 2.55 5.86 -16.92
N MET B 85 1.30 6.08 -17.34
CA MET B 85 0.69 7.38 -17.13
C MET B 85 -0.43 7.23 -16.12
N ASP B 86 -0.35 7.97 -15.03
CA ASP B 86 -1.45 8.04 -14.05
C ASP B 86 -2.06 9.43 -13.99
N SER B 87 -3.19 9.53 -13.29
CA SER B 87 -3.85 10.82 -13.06
C SER B 87 -4.03 11.60 -14.34
N LEU B 88 -4.59 10.94 -15.35
CA LEU B 88 -4.66 11.53 -16.69
C LEU B 88 -5.80 12.54 -16.78
N LYS B 89 -5.60 13.56 -17.59
CA LYS B 89 -6.57 14.66 -17.71
C LYS B 89 -6.93 14.83 -19.20
N PRO B 90 -8.11 15.43 -19.52
CA PRO B 90 -8.40 15.65 -20.94
C PRO B 90 -7.30 16.38 -21.73
N GLU B 91 -6.52 17.23 -21.05
CA GLU B 91 -5.37 17.94 -21.66
C GLU B 91 -4.23 17.00 -22.12
N ASP B 92 -4.23 15.77 -21.58
CA ASP B 92 -3.25 14.75 -21.98
C ASP B 92 -3.63 14.02 -23.28
N THR B 93 -4.78 14.36 -23.87
CA THR B 93 -5.19 13.73 -25.13
C THR B 93 -4.24 14.13 -26.28
N ALA B 94 -3.68 13.14 -26.98
CA ALA B 94 -2.65 13.39 -28.00
C ALA B 94 -2.29 12.10 -28.71
N VAL B 95 -1.59 12.22 -29.84
CA VAL B 95 -0.84 11.07 -30.37
C VAL B 95 0.51 11.05 -29.67
N TYR B 96 0.87 9.91 -29.04
CA TYR B 96 2.16 9.73 -28.37
C TYR B 96 3.13 8.98 -29.25
N TYR B 97 4.33 9.53 -29.39
CA TYR B 97 5.37 9.02 -30.26
C TYR B 97 6.55 8.58 -29.42
N CYS B 98 7.09 7.41 -29.72
N CYS B 98 7.11 7.46 -29.85
CA CYS B 98 8.41 7.08 -29.19
CA CYS B 98 8.37 6.96 -29.37
C CYS B 98 9.51 7.33 -30.20
C CYS B 98 9.51 7.46 -30.25
N ALA B 99 10.69 7.65 -29.67
CA ALA B 99 11.81 8.13 -30.44
C ALA B 99 13.08 7.55 -29.85
N ALA B 100 14.08 7.33 -30.70
CA ALA B 100 15.38 6.81 -30.28
C ALA B 100 16.49 7.76 -30.66
N ASP B 101 17.44 7.97 -29.73
CA ASP B 101 18.51 8.94 -29.94
C ASP B 101 19.81 8.33 -29.39
N ASP B 102 20.88 8.43 -30.14
CA ASP B 102 22.13 7.93 -29.55
C ASP B 102 22.68 8.85 -28.48
N ASN B 103 22.13 10.06 -28.37
CA ASN B 103 22.59 11.02 -27.40
C ASN B 103 21.42 11.34 -26.45
N TYR B 104 21.57 10.97 -25.17
CA TYR B 104 20.49 11.22 -24.19
C TYR B 104 20.19 12.72 -24.10
N VAL B 105 21.23 13.53 -24.18
CA VAL B 105 21.02 14.97 -24.01
C VAL B 105 20.03 15.54 -25.03
N THR B 106 20.17 15.12 -26.30
CA THR B 106 19.34 15.64 -27.38
C THR B 106 17.99 14.90 -27.51
N ALA B 107 17.76 13.84 -26.73
CA ALA B 107 16.56 12.99 -26.87
C ALA B 107 15.26 13.75 -26.48
N SER B 108 15.39 14.85 -25.73
CA SER B 108 14.25 15.66 -25.32
C SER B 108 14.06 16.88 -26.23
N TRP B 109 14.87 16.98 -27.28
CA TRP B 109 14.75 18.07 -28.27
C TRP B 109 14.19 17.51 -29.59
N ARG B 110 13.24 18.20 -30.17
CA ARG B 110 12.52 17.69 -31.36
C ARG B 110 13.47 17.21 -32.48
N SER B 111 14.54 17.95 -32.72
CA SER B 111 15.42 17.62 -33.83
C SER B 111 16.54 16.63 -33.45
N GLY B 112 16.52 16.11 -32.22
CA GLY B 112 17.62 15.27 -31.78
C GLY B 112 17.50 13.79 -32.19
N PRO B 113 16.39 13.15 -31.92
CA PRO B 113 16.29 11.72 -32.20
C PRO B 113 16.56 11.26 -33.64
N ASP B 114 17.17 10.09 -33.78
CA ASP B 114 17.43 9.46 -35.06
C ASP B 114 16.19 8.75 -35.64
N TYR B 115 15.30 8.28 -34.79
CA TYR B 115 14.15 7.45 -35.26
C TYR B 115 12.91 7.78 -34.48
N TRP B 116 11.76 7.64 -35.13
CA TRP B 116 10.48 7.97 -34.55
C TRP B 116 9.53 6.84 -34.95
N GLY B 117 8.63 6.49 -34.05
CA GLY B 117 7.52 5.58 -34.36
C GLY B 117 6.43 6.38 -35.05
N GLN B 118 5.37 5.69 -35.46
CA GLN B 118 4.21 6.33 -36.09
C GLN B 118 3.16 6.85 -35.13
N GLY B 119 3.27 6.43 -33.87
CA GLY B 119 2.44 7.00 -32.82
C GLY B 119 1.26 6.17 -32.40
N THR B 120 0.82 6.35 -31.15
CA THR B 120 -0.39 5.67 -30.69
C THR B 120 -1.33 6.70 -30.02
N GLN B 121 -2.63 6.60 -30.33
CA GLN B 121 -3.57 7.64 -29.94
C GLN B 121 -3.97 7.41 -28.52
N VAL B 122 -3.93 8.48 -27.72
CA VAL B 122 -4.47 8.39 -26.37
C VAL B 122 -5.58 9.44 -26.17
N THR B 123 -6.79 9.01 -25.82
CA THR B 123 -7.93 9.92 -25.63
C THR B 123 -8.47 9.87 -24.20
N VAL B 124 -8.42 11.01 -23.51
CA VAL B 124 -8.87 11.08 -22.12
C VAL B 124 -10.16 11.84 -22.02
N SER B 125 -11.19 11.21 -21.44
CA SER B 125 -12.50 11.86 -21.24
C SER B 125 -12.61 12.51 -19.86
N SER B 126 -13.38 13.60 -19.74
CA SER B 126 -13.80 14.10 -18.42
C SER B 126 -14.70 13.07 -17.72
N VAL C 4 9.30 2.23 2.40
CA VAL C 4 8.18 2.60 3.33
C VAL C 4 8.65 2.58 4.76
N GLN C 5 8.46 3.71 5.45
CA GLN C 5 8.97 3.92 6.78
C GLN C 5 7.91 4.61 7.65
N LEU C 6 7.59 4.00 8.79
CA LEU C 6 6.77 4.65 9.79
C LEU C 6 7.72 5.04 10.92
N VAL C 7 7.55 6.25 11.46
CA VAL C 7 8.39 6.78 12.52
C VAL C 7 7.50 7.32 13.65
N GLU C 8 7.56 6.71 14.84
CA GLU C 8 6.72 7.16 15.96
C GLU C 8 7.33 8.35 16.68
N SER C 9 6.49 9.24 17.22
CA SER C 9 7.00 10.37 17.99
C SER C 9 6.19 10.48 19.25
N GLY C 10 6.76 11.14 20.26
CA GLY C 10 5.96 11.66 21.37
C GLY C 10 6.00 10.84 22.64
N GLY C 11 6.75 9.74 22.63
CA GLY C 11 6.81 8.91 23.82
C GLY C 11 7.67 9.59 24.91
N GLY C 12 7.38 9.27 26.16
CA GLY C 12 8.15 9.87 27.26
C GLY C 12 7.53 9.50 28.59
N LEU C 13 7.93 10.24 29.64
CA LEU C 13 7.38 10.02 30.97
C LEU C 13 6.23 10.96 31.34
N VAL C 14 5.18 10.41 31.90
CA VAL C 14 4.01 11.18 32.25
C VAL C 14 3.45 10.66 33.58
N GLN C 15 2.66 11.49 34.26
CA GLN C 15 2.00 11.16 35.54
C GLN C 15 0.59 10.51 35.30
N ALA C 16 0.19 9.60 36.18
CA ALA C 16 -1.14 8.95 36.02
C ALA C 16 -2.20 10.04 35.99
N GLY C 17 -3.24 9.85 35.17
CA GLY C 17 -4.31 10.84 35.06
C GLY C 17 -3.97 11.95 34.09
N GLY C 18 -2.70 12.01 33.65
CA GLY C 18 -2.28 13.00 32.64
C GLY C 18 -2.61 12.57 31.20
N SER C 19 -2.15 13.34 30.23
CA SER C 19 -2.41 13.09 28.83
C SER C 19 -1.12 13.11 28.06
N LEU C 20 -1.14 12.44 26.92
CA LEU C 20 0.04 12.35 26.05
C LEU C 20 -0.44 12.15 24.63
N ARG C 21 0.16 12.85 23.68
CA ARG C 21 -0.18 12.63 22.27
C ARG C 21 0.97 12.00 21.50
N LEU C 22 0.74 10.78 21.01
CA LEU C 22 1.68 10.13 20.10
C LEU C 22 1.35 10.44 18.65
N SER C 23 2.36 10.42 17.79
CA SER C 23 2.12 10.56 16.37
C SER C 23 2.99 9.64 15.52
N CYS C 24 2.49 9.29 14.35
CA CYS C 24 3.18 8.35 13.51
C CYS C 24 3.25 8.95 12.14
N ALA C 25 4.45 9.11 11.64
CA ALA C 25 4.69 9.76 10.36
C ALA C 25 4.99 8.71 9.29
N ALA C 26 4.27 8.76 8.18
CA ALA C 26 4.57 7.90 7.05
C ALA C 26 5.46 8.63 6.03
N SER C 27 6.25 7.83 5.33
CA SER C 27 7.22 8.21 4.29
C SER C 27 6.63 9.03 3.11
N ARG C 32 -2.27 6.84 3.19
CA ARG C 32 -3.50 7.51 2.77
C ARG C 32 -4.65 6.53 2.51
N SER C 33 -4.48 5.64 1.51
CA SER C 33 -5.29 4.42 1.40
C SER C 33 -5.02 3.38 2.53
N TRP C 34 -3.98 3.61 3.33
CA TRP C 34 -3.63 2.62 4.35
C TRP C 34 -4.49 2.80 5.57
N ALA C 35 -4.97 1.67 6.08
CA ALA C 35 -5.42 1.64 7.42
C ALA C 35 -4.21 1.74 8.32
N MET C 36 -4.36 2.44 9.42
CA MET C 36 -3.26 2.62 10.32
C MET C 36 -3.65 2.10 11.68
N ALA C 37 -2.69 1.52 12.40
CA ALA C 37 -2.97 1.01 13.75
C ALA C 37 -1.92 1.41 14.74
N TRP C 38 -2.34 1.50 15.99
CA TRP C 38 -1.40 1.48 17.11
C TRP C 38 -1.49 0.17 17.93
N PHE C 39 -0.33 -0.39 18.26
CA PHE C 39 -0.24 -1.58 19.15
C PHE C 39 0.66 -1.16 20.30
N ARG C 40 0.73 -1.95 21.37
CA ARG C 40 1.69 -1.63 22.47
C ARG C 40 2.21 -2.90 23.12
N GLN C 41 3.47 -2.87 23.57
CA GLN C 41 4.05 -4.02 24.19
C GLN C 41 4.69 -3.67 25.53
N ALA C 42 4.13 -4.21 26.60
CA ALA C 42 4.79 -4.12 27.92
C ALA C 42 5.81 -5.25 28.10
N PRO C 43 6.82 -5.05 29.00
CA PRO C 43 7.83 -6.08 29.29
C PRO C 43 7.23 -7.49 29.49
N GLY C 44 7.74 -8.46 28.73
CA GLY C 44 7.32 -9.87 28.85
C GLY C 44 6.15 -10.27 27.96
N LYS C 45 5.30 -9.29 27.62
CA LYS C 45 3.99 -9.55 26.99
C LYS C 45 4.00 -9.33 25.49
N GLU C 46 2.95 -9.80 24.81
CA GLU C 46 2.81 -9.64 23.34
C GLU C 46 2.43 -8.19 22.96
N ARG C 47 2.75 -7.76 21.73
CA ARG C 47 2.29 -6.49 21.21
C ARG C 47 0.78 -6.62 21.10
N GLU C 48 0.08 -5.75 21.80
CA GLU C 48 -1.36 -5.83 22.04
C GLU C 48 -1.98 -4.73 21.18
N PHE C 49 -3.11 -5.01 20.55
CA PHE C 49 -3.80 -4.02 19.73
C PHE C 49 -4.31 -2.91 20.62
N VAL C 50 -4.17 -1.67 20.16
CA VAL C 50 -4.69 -0.50 20.90
C VAL C 50 -5.81 0.22 20.13
N ALA C 51 -5.53 0.59 18.88
CA ALA C 51 -6.50 1.35 18.08
C ALA C 51 -6.21 1.19 16.61
N LYS C 52 -7.25 1.22 15.77
CA LYS C 52 -7.04 1.37 14.33
C LYS C 52 -7.93 2.43 13.66
N ILE C 53 -7.58 2.78 12.43
CA ILE C 53 -8.34 3.79 11.71
C ILE C 53 -8.32 3.54 10.19
N SER C 54 -9.46 3.64 9.54
CA SER C 54 -9.50 3.39 8.10
C SER C 54 -8.71 4.49 7.37
N GLY C 55 -8.37 4.22 6.12
CA GLY C 55 -7.67 5.20 5.29
C GLY C 55 -8.35 6.55 5.21
N ASP C 56 -9.69 6.56 5.15
CA ASP C 56 -10.47 7.80 5.02
C ASP C 56 -10.87 8.35 6.38
N GLY C 57 -10.40 7.71 7.44
CA GLY C 57 -10.70 8.14 8.80
C GLY C 57 -12.12 7.95 9.29
N ARG C 58 -12.97 7.33 8.47
CA ARG C 58 -14.38 7.15 8.87
C ARG C 58 -14.62 6.07 9.93
N LEU C 59 -13.74 5.08 10.00
CA LEU C 59 -13.93 3.93 10.89
C LEU C 59 -12.80 3.90 11.89
N THR C 60 -13.14 3.75 13.15
CA THR C 60 -12.15 3.55 14.17
C THR C 60 -12.60 2.41 15.10
N THR C 61 -11.64 1.67 15.63
CA THR C 61 -11.89 0.61 16.60
C THR C 61 -10.79 0.73 17.71
N TYR C 62 -11.14 0.41 18.95
CA TYR C 62 -10.19 0.52 20.07
C TYR C 62 -10.12 -0.80 20.80
N GLY C 63 -8.97 -1.07 21.42
CA GLY C 63 -8.87 -2.23 22.31
C GLY C 63 -9.72 -2.00 23.54
N ASP C 64 -10.18 -3.07 24.19
CA ASP C 64 -11.13 -2.95 25.27
C ASP C 64 -10.58 -2.08 26.40
N SER C 65 -9.26 -2.22 26.65
CA SER C 65 -8.64 -1.51 27.76
C SER C 65 -8.57 0.01 27.59
N VAL C 66 -8.69 0.53 26.38
CA VAL C 66 -8.43 1.93 26.14
C VAL C 66 -9.60 2.71 25.60
N LYS C 67 -10.68 2.01 25.29
CA LYS C 67 -11.86 2.68 24.81
C LYS C 67 -12.32 3.66 25.84
N GLY C 68 -12.63 4.83 25.34
CA GLY C 68 -13.09 5.90 26.14
C GLY C 68 -12.01 6.87 26.60
N ARG C 69 -10.76 6.43 26.58
CA ARG C 69 -9.64 7.23 27.05
C ARG C 69 -8.75 7.66 25.89
N PHE C 70 -8.59 6.81 24.92
CA PHE C 70 -7.69 7.07 23.76
C PHE C 70 -8.48 7.40 22.51
N THR C 71 -7.94 8.30 21.67
CA THR C 71 -8.63 8.68 20.42
C THR C 71 -7.61 8.59 19.33
N ILE C 72 -7.90 7.76 18.34
CA ILE C 72 -7.08 7.70 17.19
C ILE C 72 -7.67 8.65 16.14
N SER C 73 -6.82 9.40 15.47
CA SER C 73 -7.24 10.22 14.30
C SER C 73 -6.09 10.31 13.28
N ARG C 74 -6.33 10.97 12.14
CA ARG C 74 -5.30 11.09 11.11
C ARG C 74 -5.39 12.38 10.34
N ASP C 75 -4.25 12.78 9.79
CA ASP C 75 -4.18 13.91 8.90
C ASP C 75 -3.50 13.47 7.60
N ASN C 76 -4.33 13.13 6.60
CA ASN C 76 -3.80 12.62 5.34
C ASN C 76 -3.01 13.66 4.56
N ALA C 77 -3.27 14.93 4.85
CA ALA C 77 -2.50 15.98 4.19
C ALA C 77 -1.04 16.00 4.67
N GLU C 78 -0.76 15.52 5.87
CA GLU C 78 0.61 15.47 6.39
C GLU C 78 1.11 14.05 6.56
N TYR C 79 0.31 13.07 6.14
CA TYR C 79 0.60 11.62 6.34
C TYR C 79 0.88 11.30 7.81
N LEU C 80 0.01 11.77 8.70
CA LEU C 80 0.22 11.61 10.13
C LEU C 80 -0.98 10.87 10.68
N VAL C 81 -0.72 10.01 11.67
CA VAL C 81 -1.77 9.35 12.45
C VAL C 81 -1.45 9.70 13.89
N TYR C 82 -2.46 10.10 14.62
CA TYR C 82 -2.26 10.54 15.97
C TYR C 82 -2.98 9.59 16.94
N LEU C 83 -2.45 9.46 18.16
CA LEU C 83 -3.10 8.71 19.21
C LEU C 83 -3.11 9.60 20.44
N GLN C 84 -4.28 10.15 20.75
CA GLN C 84 -4.35 11.01 21.90
C GLN C 84 -4.68 10.12 23.07
N MET C 85 -3.77 10.07 24.04
CA MET C 85 -3.99 9.23 25.21
C MET C 85 -4.33 10.07 26.41
N ASP C 86 -5.55 9.92 26.89
CA ASP C 86 -6.02 10.64 28.07
C ASP C 86 -6.27 9.71 29.27
N SER C 87 -6.36 10.29 30.47
CA SER C 87 -6.64 9.56 31.73
C SER C 87 -5.67 8.41 31.91
N LEU C 88 -4.40 8.67 31.64
CA LEU C 88 -3.39 7.60 31.65
C LEU C 88 -3.33 6.85 32.99
N LYS C 89 -3.02 5.55 32.93
CA LYS C 89 -2.93 4.75 34.14
C LYS C 89 -1.57 4.02 34.11
N PRO C 90 -1.04 3.64 35.27
CA PRO C 90 0.23 2.92 35.22
C PRO C 90 0.23 1.71 34.24
N GLU C 91 -0.92 1.06 34.08
CA GLU C 91 -1.01 -0.07 33.19
C GLU C 91 -0.89 0.29 31.73
N ASP C 92 -0.85 1.59 31.38
CA ASP C 92 -0.58 1.98 29.99
C ASP C 92 0.89 2.04 29.61
N THR C 93 1.77 1.81 30.57
CA THR C 93 3.22 1.84 30.30
C THR C 93 3.57 0.73 29.30
N ALA C 94 4.25 1.09 28.22
CA ALA C 94 4.53 0.15 27.13
C ALA C 94 5.34 0.81 26.07
N VAL C 95 5.96 0.00 25.22
CA VAL C 95 6.41 0.49 23.93
C VAL C 95 5.24 0.55 22.96
N TYR C 96 4.95 1.74 22.41
CA TYR C 96 3.86 1.92 21.42
C TYR C 96 4.41 1.87 19.99
N TYR C 97 3.76 1.09 19.15
CA TYR C 97 4.15 0.94 17.75
C TYR C 97 3.02 1.32 16.84
N CYS C 98 3.31 2.08 15.79
N CYS C 98 3.40 1.98 15.74
CA CYS C 98 2.30 2.25 14.73
CA CYS C 98 2.51 2.28 14.63
C CYS C 98 2.62 1.33 13.55
C CYS C 98 2.60 1.16 13.63
N ALA C 99 1.56 0.98 12.81
CA ALA C 99 1.59 -0.05 11.79
C ALA C 99 0.65 0.33 10.67
N ALA C 100 0.97 -0.13 9.46
CA ALA C 100 0.19 0.20 8.27
C ALA C 100 -0.27 -1.11 7.67
N ASP C 101 -1.56 -1.13 7.28
CA ASP C 101 -2.13 -2.30 6.67
C ASP C 101 -2.95 -1.87 5.45
N ASP C 102 -3.04 -2.76 4.47
CA ASP C 102 -3.63 -2.45 3.17
C ASP C 102 -5.14 -2.55 3.27
N ASN C 103 -5.61 -3.11 4.38
CA ASN C 103 -7.02 -3.14 4.63
C ASN C 103 -7.29 -2.92 6.12
N TYR C 104 -8.51 -2.57 6.42
CA TYR C 104 -8.86 -2.19 7.77
C TYR C 104 -9.13 -3.42 8.66
N VAL C 105 -9.61 -4.49 8.06
CA VAL C 105 -10.03 -5.65 8.84
C VAL C 105 -8.84 -6.29 9.59
N THR C 106 -7.72 -6.49 8.90
CA THR C 106 -6.59 -7.26 9.48
C THR C 106 -5.68 -6.31 10.22
N ALA C 107 -5.94 -4.99 10.14
CA ALA C 107 -5.09 -3.99 10.81
C ALA C 107 -4.95 -4.15 12.34
N SER C 108 -5.90 -4.82 12.98
CA SER C 108 -5.88 -4.98 14.46
C SER C 108 -5.37 -6.37 14.89
N TRP C 109 -5.06 -7.21 13.90
CA TRP C 109 -4.49 -8.56 14.14
C TRP C 109 -2.96 -8.46 14.11
N ARG C 110 -2.28 -9.17 15.01
CA ARG C 110 -0.84 -8.96 15.14
C ARG C 110 -0.12 -9.24 13.80
N SER C 111 -0.60 -10.20 13.01
CA SER C 111 0.04 -10.55 11.72
C SER C 111 -0.49 -9.84 10.48
N GLY C 112 -1.35 -8.87 10.70
CA GLY C 112 -2.02 -8.23 9.62
C GLY C 112 -1.13 -7.21 8.96
N PRO C 113 -0.62 -6.25 9.77
CA PRO C 113 0.00 -5.10 9.11
C PRO C 113 1.28 -5.44 8.37
N ASP C 114 1.52 -4.61 7.22
CA ASP C 114 2.62 -4.88 6.33
C ASP C 114 3.87 -4.15 6.74
N TYR C 115 3.71 -3.08 7.50
CA TYR C 115 4.84 -2.24 7.93
C TYR C 115 4.68 -1.79 9.37
N TRP C 116 5.80 -1.71 10.08
CA TRP C 116 5.82 -1.35 11.49
C TRP C 116 6.88 -0.28 11.73
N GLY C 117 6.60 0.63 12.65
CA GLY C 117 7.59 1.59 13.13
C GLY C 117 8.49 0.91 14.13
N GLN C 118 9.53 1.62 14.57
CA GLN C 118 10.46 1.08 15.57
C GLN C 118 9.97 1.18 16.98
N GLY C 119 8.93 1.98 17.20
CA GLY C 119 8.24 2.03 18.48
C GLY C 119 8.74 3.17 19.39
N THR C 120 7.89 3.62 20.29
CA THR C 120 8.24 4.75 21.19
C THR C 120 7.77 4.39 22.61
N GLN C 121 8.66 4.54 23.57
CA GLN C 121 8.37 4.19 24.94
C GLN C 121 7.48 5.25 25.57
N VAL C 122 6.46 4.79 26.29
CA VAL C 122 5.66 5.65 27.19
C VAL C 122 5.73 5.04 28.58
N THR C 123 6.06 5.86 29.59
CA THR C 123 6.06 5.40 30.98
C THR C 123 5.10 6.25 31.78
N VAL C 124 4.12 5.60 32.41
CA VAL C 124 3.18 6.33 33.25
C VAL C 124 3.49 6.02 34.73
N SER C 125 3.90 7.02 35.48
CA SER C 125 4.20 6.81 36.91
C SER C 125 2.87 6.97 37.68
N SER C 126 2.81 6.44 38.91
CA SER C 126 1.52 6.21 39.59
C SER C 126 0.85 7.49 40.06
N VAL D 4 4.18 -13.82 0.76
CA VAL D 4 3.50 -15.07 1.23
C VAL D 4 3.23 -16.04 0.09
N GLN D 5 3.14 -15.57 -1.15
CA GLN D 5 2.67 -16.47 -2.22
C GLN D 5 3.75 -17.20 -2.96
N LEU D 6 4.91 -16.56 -3.03
CA LEU D 6 6.07 -17.13 -3.64
C LEU D 6 7.12 -17.12 -2.57
N VAL D 7 7.80 -18.25 -2.40
CA VAL D 7 8.85 -18.39 -1.36
C VAL D 7 10.13 -18.83 -2.03
N GLU D 8 11.22 -18.07 -1.84
CA GLU D 8 12.53 -18.42 -2.35
C GLU D 8 13.30 -19.23 -1.33
N SER D 9 14.00 -20.26 -1.79
N SER D 9 13.97 -20.28 -1.76
CA SER D 9 14.86 -21.05 -0.91
CA SER D 9 14.89 -20.99 -0.87
C SER D 9 16.20 -21.23 -1.61
C SER D 9 16.21 -21.16 -1.58
N GLY D 10 17.23 -21.58 -0.84
CA GLY D 10 18.53 -21.83 -1.40
C GLY D 10 19.53 -20.71 -1.15
N GLY D 11 19.07 -19.61 -0.57
CA GLY D 11 19.93 -18.47 -0.17
C GLY D 11 20.96 -18.79 0.90
N GLY D 12 22.01 -17.98 0.97
CA GLY D 12 23.03 -18.21 2.00
C GLY D 12 24.39 -17.78 1.49
N LEU D 13 25.43 -18.44 1.98
CA LEU D 13 26.82 -18.06 1.72
C LEU D 13 27.50 -19.09 0.79
N VAL D 14 28.28 -18.62 -0.19
CA VAL D 14 28.99 -19.57 -1.07
C VAL D 14 30.31 -18.96 -1.52
N GLN D 15 31.25 -19.80 -1.90
CA GLN D 15 32.60 -19.31 -2.22
C GLN D 15 32.66 -18.98 -3.71
N ALA D 16 33.52 -18.03 -4.08
CA ALA D 16 33.53 -17.58 -5.48
C ALA D 16 33.95 -18.78 -6.27
N GLY D 17 33.35 -18.94 -7.44
CA GLY D 17 33.66 -20.09 -8.31
C GLY D 17 32.69 -21.24 -8.08
N GLY D 18 31.92 -21.13 -6.99
CA GLY D 18 31.00 -22.20 -6.60
C GLY D 18 29.65 -22.08 -7.27
N SER D 19 28.70 -22.92 -6.84
CA SER D 19 27.38 -22.98 -7.47
C SER D 19 26.35 -22.85 -6.40
N LEU D 20 25.16 -22.38 -6.78
CA LEU D 20 24.07 -22.37 -5.86
C LEU D 20 22.84 -22.64 -6.68
N ARG D 21 21.88 -23.37 -6.12
CA ARG D 21 20.60 -23.48 -6.80
C ARG D 21 19.50 -22.89 -5.93
N LEU D 22 18.86 -21.84 -6.43
CA LEU D 22 17.76 -21.22 -5.71
C LEU D 22 16.52 -21.89 -6.24
N SER D 23 15.49 -21.94 -5.41
CA SER D 23 14.19 -22.38 -5.93
C SER D 23 13.09 -21.42 -5.52
N CYS D 24 12.03 -21.43 -6.28
CA CYS D 24 10.88 -20.56 -5.96
C CYS D 24 9.63 -21.41 -5.97
N ALA D 25 8.89 -21.42 -4.85
CA ALA D 25 7.76 -22.30 -4.71
C ALA D 25 6.54 -21.39 -4.66
N ALA D 26 5.55 -21.68 -5.51
CA ALA D 26 4.31 -20.88 -5.53
C ALA D 26 3.20 -21.65 -4.80
N SER D 27 2.38 -20.91 -4.02
CA SER D 27 1.20 -21.50 -3.33
C SER D 27 0.00 -21.69 -4.26
N ARG D 28 -0.17 -20.77 -5.20
CA ARG D 28 -1.34 -20.83 -6.05
C ARG D 28 -0.91 -21.29 -7.44
N ARG D 29 -1.66 -22.20 -8.00
CA ARG D 29 -1.44 -22.58 -9.36
C ARG D 29 -1.93 -21.54 -10.32
N SER D 30 -1.12 -21.29 -11.34
CA SER D 30 -1.48 -20.40 -12.38
C SER D 30 -1.39 -21.16 -13.63
N SER D 31 -2.12 -20.73 -14.64
CA SER D 31 -2.08 -21.34 -15.95
C SER D 31 -0.69 -21.42 -16.55
N ARG D 32 -0.58 -22.15 -17.63
CA ARG D 32 0.68 -22.24 -18.31
C ARG D 32 1.01 -20.94 -19.08
N SER D 33 0.09 -20.00 -19.14
CA SER D 33 0.31 -18.72 -19.83
C SER D 33 1.13 -17.78 -18.95
N TRP D 34 1.14 -18.08 -17.65
CA TRP D 34 1.95 -17.33 -16.71
C TRP D 34 3.43 -17.70 -16.82
N ALA D 35 4.32 -16.79 -16.39
CA ALA D 35 5.75 -16.96 -16.61
C ALA D 35 6.32 -16.72 -15.24
N MET D 36 7.56 -17.15 -14.98
CA MET D 36 8.14 -16.84 -13.66
C MET D 36 9.48 -16.16 -13.93
N ALA D 37 9.90 -15.31 -13.00
CA ALA D 37 11.12 -14.52 -13.20
C ALA D 37 11.92 -14.51 -11.95
N TRP D 38 13.21 -14.30 -12.11
CA TRP D 38 14.11 -13.97 -11.03
C TRP D 38 14.69 -12.60 -11.26
N PHE D 39 14.70 -11.79 -10.18
CA PHE D 39 15.37 -10.51 -10.15
C PHE D 39 16.35 -10.54 -8.96
N ARG D 40 17.23 -9.55 -8.88
CA ARG D 40 18.10 -9.40 -7.73
C ARG D 40 18.37 -7.93 -7.44
N GLN D 41 18.73 -7.64 -6.21
CA GLN D 41 18.94 -6.28 -5.79
C GLN D 41 20.11 -6.25 -4.83
N ALA D 42 21.14 -5.50 -5.26
CA ALA D 42 22.34 -5.17 -4.47
C ALA D 42 22.13 -3.88 -3.73
N PRO D 43 22.82 -3.71 -2.58
CA PRO D 43 22.59 -2.55 -1.76
C PRO D 43 22.69 -1.28 -2.62
N GLY D 44 21.63 -0.47 -2.59
CA GLY D 44 21.63 0.83 -3.25
C GLY D 44 21.44 0.82 -4.77
N LYS D 45 21.25 -0.36 -5.35
CA LYS D 45 21.04 -0.44 -6.79
C LYS D 45 19.58 -0.83 -6.99
N GLU D 46 19.05 -0.63 -8.20
CA GLU D 46 17.67 -1.01 -8.50
C GLU D 46 17.56 -2.52 -8.67
N ARG D 47 16.35 -3.07 -8.60
CA ARG D 47 16.15 -4.49 -8.82
C ARG D 47 16.54 -4.72 -10.27
N GLU D 48 17.30 -5.74 -10.54
CA GLU D 48 17.65 -5.98 -11.94
C GLU D 48 17.18 -7.33 -12.36
N PHE D 49 16.77 -7.43 -13.62
CA PHE D 49 16.27 -8.65 -14.18
C PHE D 49 17.41 -9.68 -14.30
N VAL D 50 17.13 -10.91 -13.89
CA VAL D 50 18.12 -12.00 -14.00
C VAL D 50 17.73 -13.05 -15.01
N ALA D 51 16.54 -13.64 -14.85
CA ALA D 51 16.10 -14.68 -15.81
C ALA D 51 14.57 -14.78 -15.78
N LYS D 52 14.01 -15.33 -16.85
CA LYS D 52 12.57 -15.67 -16.88
C LYS D 52 12.34 -16.90 -17.75
N ILE D 53 11.21 -17.55 -17.48
CA ILE D 53 10.90 -18.81 -18.13
C ILE D 53 9.40 -18.83 -18.37
N SER D 54 9.01 -19.34 -19.52
CA SER D 54 7.59 -19.37 -19.83
C SER D 54 6.86 -20.47 -19.06
N GLY D 55 5.55 -20.39 -18.97
CA GLY D 55 4.78 -21.43 -18.27
C GLY D 55 5.15 -22.83 -18.77
N ASP D 56 5.34 -22.97 -20.07
CA ASP D 56 5.55 -24.31 -20.65
C ASP D 56 7.04 -24.71 -20.65
N GLY D 57 7.90 -23.81 -20.16
CA GLY D 57 9.32 -24.09 -20.02
C GLY D 57 10.11 -23.90 -21.29
N ARG D 58 9.42 -23.55 -22.39
CA ARG D 58 10.07 -23.55 -23.68
C ARG D 58 10.88 -22.31 -23.96
N LEU D 59 10.47 -21.18 -23.38
CA LEU D 59 11.14 -19.90 -23.59
C LEU D 59 11.89 -19.52 -22.33
N THR D 60 13.15 -19.13 -22.49
CA THR D 60 13.93 -18.57 -21.37
C THR D 60 14.69 -17.36 -21.87
N THR D 61 14.82 -16.35 -21.03
CA THR D 61 15.72 -15.26 -21.39
C THR D 61 16.49 -14.85 -20.16
N TYR D 62 17.72 -14.38 -20.36
CA TYR D 62 18.59 -13.99 -19.22
C TYR D 62 18.99 -12.55 -19.23
N GLY D 63 19.36 -12.02 -18.04
CA GLY D 63 19.91 -10.67 -17.96
C GLY D 63 21.34 -10.64 -18.44
N ASP D 64 21.83 -9.44 -18.76
CA ASP D 64 23.19 -9.34 -19.28
C ASP D 64 24.33 -9.85 -18.38
N SER D 65 24.20 -9.71 -17.07
CA SER D 65 25.36 -10.01 -16.23
C SER D 65 25.48 -11.51 -16.03
N VAL D 66 24.57 -12.26 -16.61
CA VAL D 66 24.29 -13.52 -16.09
C VAL D 66 24.22 -14.66 -17.10
N LYS D 67 24.55 -14.39 -18.37
CA LYS D 67 24.29 -15.46 -19.38
C LYS D 67 25.51 -16.37 -19.57
N GLY D 68 25.24 -17.65 -19.73
CA GLY D 68 26.24 -18.68 -19.78
C GLY D 68 26.58 -19.12 -18.37
N ARG D 69 26.13 -18.38 -17.37
CA ARG D 69 26.43 -18.82 -16.03
C ARG D 69 25.25 -19.43 -15.28
N PHE D 70 24.06 -18.87 -15.53
CA PHE D 70 22.83 -19.29 -14.83
C PHE D 70 21.88 -20.03 -15.77
N THR D 71 21.09 -20.94 -15.19
CA THR D 71 20.11 -21.68 -15.94
C THR D 71 18.82 -21.62 -15.18
N ILE D 72 17.77 -21.19 -15.85
CA ILE D 72 16.46 -21.21 -15.24
C ILE D 72 15.70 -22.38 -15.81
N SER D 73 14.98 -23.10 -14.96
CA SER D 73 14.18 -24.26 -15.39
C SER D 73 13.00 -24.42 -14.41
N ARG D 74 12.09 -25.30 -14.70
CA ARG D 74 10.99 -25.48 -13.80
C ARG D 74 10.63 -26.95 -13.63
N ASP D 75 10.02 -27.26 -12.47
CA ASP D 75 9.47 -28.58 -12.23
C ASP D 75 7.98 -28.30 -11.95
N ASN D 76 7.11 -28.55 -12.90
CA ASN D 76 5.70 -28.32 -12.66
C ASN D 76 4.98 -29.24 -11.68
N ALA D 77 5.62 -30.37 -11.33
CA ALA D 77 4.98 -31.38 -10.47
C ALA D 77 5.18 -30.98 -8.98
N GLU D 78 6.34 -30.44 -8.65
CA GLU D 78 6.61 -29.84 -7.33
C GLU D 78 6.17 -28.32 -7.25
N TYR D 79 5.78 -27.82 -8.41
CA TYR D 79 5.58 -26.39 -8.73
C TYR D 79 6.70 -25.50 -8.22
N LEU D 80 7.90 -25.79 -8.72
CA LEU D 80 9.11 -25.05 -8.42
C LEU D 80 9.71 -24.44 -9.67
N VAL D 81 10.32 -23.28 -9.50
CA VAL D 81 11.12 -22.75 -10.56
C VAL D 81 12.54 -22.65 -9.97
N TYR D 82 13.53 -23.16 -10.71
CA TYR D 82 14.91 -23.22 -10.21
C TYR D 82 15.76 -22.18 -10.89
N LEU D 83 16.72 -21.58 -10.15
CA LEU D 83 17.78 -20.82 -10.79
C LEU D 83 19.10 -21.46 -10.41
N GLN D 84 19.69 -22.17 -11.35
CA GLN D 84 20.97 -22.80 -11.11
C GLN D 84 22.03 -21.76 -11.44
N MET D 85 22.85 -21.46 -10.45
CA MET D 85 23.84 -20.42 -10.64
C MET D 85 25.22 -21.05 -10.57
N ASP D 86 25.99 -20.98 -11.66
CA ASP D 86 27.35 -21.55 -11.67
C ASP D 86 28.34 -20.39 -11.77
N SER D 87 29.61 -20.69 -11.48
CA SER D 87 30.74 -19.76 -11.62
C SER D 87 30.41 -18.42 -11.00
N LEU D 88 29.99 -18.46 -9.75
CA LEU D 88 29.53 -17.27 -9.07
C LEU D 88 30.71 -16.38 -8.74
N LYS D 89 30.48 -15.09 -8.71
CA LYS D 89 31.54 -14.15 -8.33
C LYS D 89 31.02 -13.20 -7.25
N PRO D 90 31.92 -12.50 -6.53
CA PRO D 90 31.50 -11.57 -5.47
C PRO D 90 30.38 -10.65 -5.97
N GLU D 91 30.52 -10.21 -7.22
CA GLU D 91 29.55 -9.32 -7.86
C GLU D 91 28.12 -9.86 -7.93
N ASP D 92 27.94 -11.14 -7.64
CA ASP D 92 26.60 -11.74 -7.67
C ASP D 92 25.87 -11.65 -6.36
N THR D 93 26.57 -11.12 -5.37
CA THR D 93 25.99 -10.90 -4.01
C THR D 93 24.81 -9.94 -4.10
N ALA D 94 23.65 -10.38 -3.59
CA ALA D 94 22.41 -9.60 -3.71
C ALA D 94 21.26 -10.34 -3.02
N VAL D 95 20.13 -9.64 -2.85
CA VAL D 95 18.85 -10.32 -2.52
C VAL D 95 18.19 -10.78 -3.85
N TYR D 96 17.87 -12.07 -3.96
CA TYR D 96 17.32 -12.63 -5.18
C TYR D 96 15.82 -12.82 -4.93
N TYR D 97 14.99 -12.29 -5.82
CA TYR D 97 13.56 -12.36 -5.69
C TYR D 97 12.98 -13.18 -6.79
N CYS D 98 11.98 -13.98 -6.51
N CYS D 98 11.94 -13.94 -6.48
CA CYS D 98 11.22 -14.59 -7.59
CA CYS D 98 11.12 -14.59 -7.45
C CYS D 98 9.85 -13.90 -7.74
C CYS D 98 9.90 -13.74 -7.76
N ALA D 99 9.34 -13.92 -8.96
CA ALA D 99 8.16 -13.13 -9.35
C ALA D 99 7.35 -13.83 -10.39
N ALA D 100 6.03 -13.67 -10.31
CA ALA D 100 5.10 -14.37 -11.19
C ALA D 100 4.37 -13.32 -12.01
N ASP D 101 4.22 -13.57 -13.30
CA ASP D 101 3.55 -12.62 -14.17
C ASP D 101 2.56 -13.39 -15.02
N ASP D 102 1.47 -12.73 -15.37
CA ASP D 102 0.43 -13.33 -16.21
C ASP D 102 0.88 -13.49 -17.68
N ASN D 103 2.02 -12.94 -18.07
CA ASN D 103 2.52 -13.13 -19.44
C ASN D 103 4.03 -13.11 -19.47
N TYR D 104 4.60 -13.62 -20.54
CA TYR D 104 6.07 -13.78 -20.58
C TYR D 104 6.75 -12.45 -20.94
N VAL D 105 6.14 -11.65 -21.80
CA VAL D 105 6.80 -10.41 -22.24
C VAL D 105 7.15 -9.47 -21.11
N THR D 106 6.20 -9.26 -20.20
CA THR D 106 6.41 -8.27 -19.13
C THR D 106 7.09 -8.83 -17.93
N ALA D 107 7.35 -10.14 -17.92
CA ALA D 107 8.00 -10.75 -16.75
C ALA D 107 9.42 -10.21 -16.45
N SER D 108 10.10 -9.67 -17.46
CA SER D 108 11.44 -9.15 -17.22
C SER D 108 11.41 -7.65 -16.87
N TRP D 109 10.22 -7.06 -16.87
CA TRP D 109 10.07 -5.64 -16.62
C TRP D 109 9.82 -5.47 -15.14
N ARG D 110 10.47 -4.50 -14.51
CA ARG D 110 10.28 -4.31 -13.06
C ARG D 110 8.81 -4.21 -12.60
N SER D 111 7.99 -3.52 -13.37
CA SER D 111 6.61 -3.31 -12.99
C SER D 111 5.68 -4.38 -13.57
N GLY D 112 6.25 -5.42 -14.17
CA GLY D 112 5.42 -6.38 -14.91
C GLY D 112 4.78 -7.41 -13.98
N PRO D 113 5.59 -8.04 -13.13
CA PRO D 113 4.97 -9.18 -12.45
C PRO D 113 3.89 -8.76 -11.44
N ASP D 114 2.92 -9.85 -11.35
CA ASP D 114 1.74 -9.61 -10.49
C ASP D 114 2.09 -9.81 -9.00
N TYR D 115 2.93 -10.80 -8.72
CA TYR D 115 3.29 -11.25 -7.34
C TYR D 115 4.79 -11.36 -7.25
N TRP D 116 5.33 -10.98 -6.08
CA TRP D 116 6.75 -11.10 -5.75
C TRP D 116 6.95 -11.91 -4.47
N GLY D 117 8.02 -12.67 -4.41
CA GLY D 117 8.54 -13.19 -3.13
C GLY D 117 9.10 -12.05 -2.27
N GLN D 118 9.42 -12.35 -1.01
CA GLN D 118 10.13 -11.41 -0.11
C GLN D 118 11.64 -11.39 -0.34
N GLY D 119 12.13 -12.30 -1.18
CA GLY D 119 13.57 -12.36 -1.54
C GLY D 119 14.44 -13.11 -0.54
N THR D 120 15.61 -13.54 -1.00
CA THR D 120 16.52 -14.30 -0.17
C THR D 120 17.94 -13.81 -0.43
N GLN D 121 18.70 -13.60 0.64
CA GLN D 121 20.07 -13.16 0.49
C GLN D 121 20.96 -14.25 -0.12
N VAL D 122 21.72 -13.87 -1.12
CA VAL D 122 22.87 -14.67 -1.53
C VAL D 122 24.16 -13.86 -1.32
N THR D 123 25.17 -14.45 -0.65
CA THR D 123 26.47 -13.76 -0.45
C THR D 123 27.63 -14.63 -1.00
N VAL D 124 28.41 -14.05 -1.90
CA VAL D 124 29.47 -14.78 -2.58
C VAL D 124 30.80 -14.21 -2.14
N SER D 125 31.52 -15.00 -1.33
CA SER D 125 32.74 -14.47 -0.71
C SER D 125 33.85 -14.70 -1.72
N SER D 126 34.98 -14.02 -1.54
CA SER D 126 36.25 -14.50 -2.08
C SER D 126 36.45 -15.99 -1.80
N GLN E 3 -10.02 35.83 22.77
CA GLN E 3 -8.82 36.74 22.61
C GLN E 3 -8.49 37.00 21.10
N VAL E 4 -8.98 36.10 20.26
CA VAL E 4 -8.76 36.17 18.82
C VAL E 4 -10.13 35.90 18.24
N GLN E 5 -10.60 36.76 17.35
CA GLN E 5 -11.85 36.51 16.67
C GLN E 5 -11.52 36.26 15.23
N LEU E 6 -12.18 35.28 14.62
CA LEU E 6 -12.05 35.03 13.16
C LEU E 6 -13.45 35.11 12.62
N VAL E 7 -13.62 35.85 11.52
CA VAL E 7 -14.93 36.03 10.89
C VAL E 7 -14.91 35.76 9.38
N GLU E 8 -15.70 34.77 8.94
CA GLU E 8 -15.75 34.41 7.53
C GLU E 8 -16.80 35.27 6.83
N SER E 9 -16.56 35.62 5.57
CA SER E 9 -17.64 36.17 4.73
C SER E 9 -17.40 35.78 3.29
N GLY E 10 -18.36 36.08 2.42
CA GLY E 10 -18.16 35.91 0.98
C GLY E 10 -18.86 34.70 0.39
N GLY E 11 -19.67 34.01 1.22
CA GLY E 11 -20.28 32.74 0.81
C GLY E 11 -21.66 32.93 0.20
N GLY E 12 -22.58 32.00 0.47
CA GLY E 12 -23.94 32.16 0.03
C GLY E 12 -24.26 31.22 -1.12
N LEU E 13 -25.30 31.57 -1.89
CA LEU E 13 -25.78 30.75 -3.02
C LEU E 13 -24.99 31.00 -4.33
N VAL E 14 -24.68 29.93 -5.05
CA VAL E 14 -23.94 29.98 -6.32
C VAL E 14 -24.40 28.81 -7.21
N GLN E 15 -24.43 29.03 -8.51
CA GLN E 15 -24.75 27.94 -9.43
C GLN E 15 -23.51 27.07 -9.61
N ALA E 16 -23.70 25.76 -9.76
CA ALA E 16 -22.62 24.84 -10.18
C ALA E 16 -21.85 25.43 -11.38
N GLY E 17 -20.52 25.30 -11.36
CA GLY E 17 -19.68 25.90 -12.40
C GLY E 17 -19.14 27.25 -11.90
N GLY E 18 -19.81 27.82 -10.91
CA GLY E 18 -19.49 29.21 -10.50
C GLY E 18 -18.24 29.33 -9.63
N SER E 19 -17.89 30.59 -9.30
CA SER E 19 -16.80 30.92 -8.35
C SER E 19 -17.33 31.72 -7.14
N LEU E 20 -16.60 31.60 -6.04
CA LEU E 20 -16.80 32.45 -4.83
C LEU E 20 -15.46 32.86 -4.28
N ARG E 21 -15.39 34.01 -3.64
CA ARG E 21 -14.17 34.35 -2.93
C ARG E 21 -14.51 34.46 -1.45
N LEU E 22 -14.03 33.50 -0.67
CA LEU E 22 -14.25 33.56 0.78
C LEU E 22 -13.13 34.31 1.46
N SER E 23 -13.47 34.98 2.53
CA SER E 23 -12.46 35.70 3.23
C SER E 23 -12.63 35.49 4.72
N CYS E 24 -11.53 35.52 5.43
CA CYS E 24 -11.55 35.38 6.88
C CYS E 24 -10.81 36.54 7.48
N ALA E 25 -11.50 37.32 8.32
CA ALA E 25 -10.90 38.47 8.97
C ALA E 25 -10.57 38.11 10.40
N ALA E 26 -9.28 38.23 10.75
CA ALA E 26 -8.80 38.01 12.13
C ALA E 26 -8.75 39.35 12.89
N SER E 27 -9.37 39.39 14.07
CA SER E 27 -9.16 40.49 15.02
C SER E 27 -8.21 39.98 16.09
N ARG E 28 -6.94 40.38 16.04
CA ARG E 28 -5.98 39.94 17.07
C ARG E 28 -4.78 40.84 16.97
N ARG E 29 -3.78 40.57 17.80
CA ARG E 29 -2.59 41.39 17.88
C ARG E 29 -1.72 41.21 16.63
N SER E 30 -1.45 39.99 16.23
CA SER E 30 -0.45 39.79 15.17
C SER E 30 -1.01 38.98 14.03
N SER E 31 -0.58 39.31 12.81
CA SER E 31 -1.08 38.62 11.59
C SER E 31 -0.14 37.52 11.02
N ARG E 32 1.16 37.65 11.25
CA ARG E 32 2.14 36.92 10.42
C ARG E 32 2.68 35.61 11.03
N SER E 33 2.40 35.37 12.32
CA SER E 33 2.99 34.24 13.04
C SER E 33 2.06 33.01 13.12
N TRP E 34 0.89 33.08 12.51
CA TRP E 34 -0.02 31.95 12.68
C TRP E 34 -0.41 31.34 11.33
N ALA E 35 -0.37 30.00 11.25
CA ALA E 35 -0.91 29.29 10.08
C ALA E 35 -2.41 29.49 10.08
N MET E 36 -3.02 29.47 8.91
CA MET E 36 -4.47 29.69 8.82
C MET E 36 -4.98 28.58 7.97
N ALA E 37 -6.20 28.15 8.22
CA ALA E 37 -6.77 27.08 7.42
C ALA E 37 -8.22 27.32 7.19
N TRP E 38 -8.73 26.62 6.16
CA TRP E 38 -10.14 26.45 5.90
C TRP E 38 -10.51 24.98 6.02
N PHE E 39 -11.66 24.77 6.64
CA PHE E 39 -12.32 23.49 6.73
C PHE E 39 -13.75 23.69 6.27
N ARG E 40 -14.47 22.58 6.08
CA ARG E 40 -15.87 22.65 5.72
C ARG E 40 -16.65 21.45 6.27
N GLN E 41 -17.93 21.67 6.52
CA GLN E 41 -18.79 20.62 7.09
C GLN E 41 -20.03 20.54 6.26
N ALA E 42 -20.21 19.42 5.55
CA ALA E 42 -21.43 19.19 4.78
C ALA E 42 -22.49 18.53 5.67
N PRO E 43 -23.78 18.58 5.25
CA PRO E 43 -24.85 17.93 5.99
C PRO E 43 -24.49 16.49 6.37
N GLY E 44 -24.31 16.24 7.66
CA GLY E 44 -24.17 14.86 8.15
C GLY E 44 -22.76 14.30 7.99
N LYS E 45 -21.79 15.19 7.79
CA LYS E 45 -20.42 14.73 7.64
C LYS E 45 -19.56 15.38 8.70
N GLU E 46 -18.35 14.87 8.89
CA GLU E 46 -17.45 15.53 9.82
C GLU E 46 -16.75 16.70 9.13
N ARG E 47 -16.31 17.64 9.96
CA ARG E 47 -15.62 18.82 9.48
C ARG E 47 -14.29 18.45 8.79
N GLU E 48 -14.13 18.80 7.53
CA GLU E 48 -12.98 18.27 6.86
C GLU E 48 -12.07 19.37 6.33
N PHE E 49 -10.79 19.03 6.26
CA PHE E 49 -9.73 19.93 5.82
C PHE E 49 -9.90 20.26 4.34
N VAL E 50 -9.75 21.57 4.03
CA VAL E 50 -9.83 22.13 2.67
C VAL E 50 -8.47 22.65 2.18
N ALA E 51 -7.84 23.55 2.98
CA ALA E 51 -6.59 24.27 2.61
C ALA E 51 -5.96 24.94 3.81
N LYS E 52 -4.63 25.05 3.82
CA LYS E 52 -3.90 25.78 4.87
C LYS E 52 -2.73 26.55 4.26
N ILE E 53 -2.24 27.55 5.00
CA ILE E 53 -1.21 28.45 4.49
C ILE E 53 -0.38 28.85 5.69
N SER E 54 0.92 28.92 5.50
CA SER E 54 1.81 29.25 6.58
C SER E 54 1.68 30.75 6.89
N GLY E 55 2.13 31.16 8.08
CA GLY E 55 2.22 32.60 8.39
C GLY E 55 2.76 33.49 7.26
N ASP E 56 3.89 33.11 6.68
CA ASP E 56 4.54 33.96 5.71
C ASP E 56 4.00 33.73 4.30
N GLY E 57 3.05 32.82 4.15
CA GLY E 57 2.40 32.59 2.87
C GLY E 57 3.16 31.70 1.90
N ARG E 58 4.35 31.27 2.28
CA ARG E 58 5.17 30.50 1.35
C ARG E 58 4.77 29.04 1.19
N LEU E 59 4.00 28.52 2.16
CA LEU E 59 3.64 27.09 2.18
C LEU E 59 2.13 26.98 2.15
N THR E 60 1.61 26.19 1.22
CA THR E 60 0.19 25.88 1.19
C THR E 60 -0.03 24.41 0.90
N THR E 61 -1.11 23.88 1.47
CA THR E 61 -1.56 22.54 1.15
C THR E 61 -3.09 22.46 0.97
N TYR E 62 -3.53 21.53 0.12
CA TYR E 62 -4.97 21.39 -0.21
C TYR E 62 -5.47 19.97 0.07
N GLY E 63 -6.76 19.89 0.41
CA GLY E 63 -7.46 18.61 0.45
C GLY E 63 -7.60 18.02 -0.92
N ASP E 64 -7.72 16.69 -1.00
CA ASP E 64 -7.78 16.04 -2.30
C ASP E 64 -8.96 16.45 -3.17
N SER E 65 -10.11 16.69 -2.55
CA SER E 65 -11.33 17.02 -3.31
C SER E 65 -11.33 18.45 -3.88
N VAL E 66 -10.39 19.29 -3.44
CA VAL E 66 -10.41 20.68 -3.92
C VAL E 66 -9.19 21.11 -4.76
N LYS E 67 -8.25 20.20 -4.95
CA LYS E 67 -6.97 20.57 -5.52
C LYS E 67 -7.14 20.98 -6.99
N GLY E 68 -6.46 22.04 -7.37
CA GLY E 68 -6.57 22.53 -8.74
C GLY E 68 -7.72 23.50 -8.93
N ARG E 69 -8.69 23.48 -8.01
CA ARG E 69 -9.91 24.29 -8.13
C ARG E 69 -9.89 25.49 -7.16
N PHE E 70 -9.29 25.29 -5.97
CA PHE E 70 -9.30 26.29 -4.91
C PHE E 70 -7.89 26.86 -4.73
N THR E 71 -7.80 28.12 -4.30
CA THR E 71 -6.51 28.71 -4.00
C THR E 71 -6.65 29.42 -2.68
N ILE E 72 -5.79 29.08 -1.71
CA ILE E 72 -5.69 29.84 -0.49
C ILE E 72 -4.58 30.89 -0.55
N SER E 73 -4.83 32.06 -0.01
CA SER E 73 -3.82 33.08 0.02
C SER E 73 -4.07 33.95 1.23
N ARG E 74 -3.14 34.87 1.51
CA ARG E 74 -3.34 35.74 2.62
C ARG E 74 -2.82 37.18 2.40
N ASP E 75 -3.42 38.11 3.14
CA ASP E 75 -2.96 39.50 3.21
C ASP E 75 -2.69 39.88 4.67
N ASN E 76 -1.44 39.78 5.09
CA ASN E 76 -1.12 40.10 6.49
C ASN E 76 -1.26 41.59 6.87
N ALA E 77 -1.10 42.46 5.86
CA ALA E 77 -1.35 43.87 6.06
C ALA E 77 -2.78 44.15 6.54
N GLU E 78 -3.73 43.31 6.14
CA GLU E 78 -5.13 43.51 6.46
C GLU E 78 -5.63 42.40 7.39
N TYR E 79 -4.77 41.51 7.85
CA TYR E 79 -5.24 40.38 8.68
C TYR E 79 -6.36 39.55 8.02
N LEU E 80 -6.18 39.23 6.75
CA LEU E 80 -7.15 38.43 5.97
C LEU E 80 -6.50 37.21 5.41
N VAL E 81 -7.32 36.16 5.23
CA VAL E 81 -6.95 34.95 4.50
C VAL E 81 -8.11 34.74 3.54
N TYR E 82 -7.79 34.39 2.31
CA TYR E 82 -8.80 34.25 1.27
C TYR E 82 -8.79 32.85 0.80
N LEU E 83 -9.97 32.38 0.39
CA LEU E 83 -10.07 31.11 -0.30
C LEU E 83 -10.80 31.35 -1.60
N GLN E 84 -10.06 31.31 -2.70
CA GLN E 84 -10.72 31.45 -3.99
C GLN E 84 -11.17 30.08 -4.46
N MET E 85 -12.45 29.97 -4.83
CA MET E 85 -13.02 28.66 -5.14
C MET E 85 -13.63 28.77 -6.51
N ASP E 86 -13.07 28.05 -7.49
CA ASP E 86 -13.62 28.03 -8.85
C ASP E 86 -14.30 26.69 -9.12
N SER E 87 -15.06 26.66 -10.21
CA SER E 87 -15.62 25.42 -10.72
C SER E 87 -16.34 24.64 -9.64
N LEU E 88 -17.19 25.34 -8.87
CA LEU E 88 -17.90 24.74 -7.76
C LEU E 88 -18.97 23.71 -8.19
N LYS E 89 -19.11 22.68 -7.38
CA LYS E 89 -20.05 21.61 -7.62
C LYS E 89 -21.04 21.53 -6.45
N PRO E 90 -22.21 20.88 -6.66
CA PRO E 90 -23.13 20.67 -5.52
C PRO E 90 -22.44 20.00 -4.33
N GLU E 91 -21.42 19.18 -4.56
CA GLU E 91 -20.81 18.47 -3.41
C GLU E 91 -19.90 19.38 -2.55
N ASP E 92 -19.68 20.59 -3.01
CA ASP E 92 -18.92 21.60 -2.29
C ASP E 92 -19.77 22.40 -1.33
N THR E 93 -21.05 22.09 -1.32
CA THR E 93 -21.99 22.70 -0.43
C THR E 93 -21.65 22.31 1.02
N ALA E 94 -21.61 23.27 1.92
CA ALA E 94 -21.12 23.09 3.27
C ALA E 94 -20.99 24.43 3.99
N VAL E 95 -20.90 24.36 5.31
CA VAL E 95 -20.46 25.44 6.15
C VAL E 95 -18.96 25.51 6.11
N TYR E 96 -18.43 26.66 5.72
CA TYR E 96 -16.99 26.79 5.58
C TYR E 96 -16.45 27.55 6.79
N TYR E 97 -15.38 26.99 7.37
CA TYR E 97 -14.79 27.53 8.62
C TYR E 97 -13.36 27.97 8.42
N CYS E 98 -13.04 29.11 9.02
N CYS E 98 -13.01 29.16 8.90
CA CYS E 98 -11.69 29.60 9.10
CA CYS E 98 -11.59 29.49 8.98
C CYS E 98 -11.08 29.13 10.42
C CYS E 98 -11.05 29.20 10.37
N ALA E 99 -9.79 28.80 10.42
CA ALA E 99 -9.18 28.37 11.67
C ALA E 99 -7.80 28.95 11.76
N ALA E 100 -7.26 29.12 12.96
CA ALA E 100 -5.88 29.58 13.10
C ALA E 100 -5.11 28.63 14.02
N ASP E 101 -3.83 28.41 13.70
CA ASP E 101 -3.04 27.43 14.45
C ASP E 101 -1.65 28.02 14.60
N ASP E 102 -0.97 27.79 15.72
CA ASP E 102 0.39 28.30 15.87
C ASP E 102 1.41 27.38 15.21
N ASN E 103 0.92 26.22 14.76
CA ASN E 103 1.76 25.20 14.12
C ASN E 103 1.19 24.91 12.75
N TYR E 104 2.02 25.07 11.71
CA TYR E 104 1.57 24.83 10.35
C TYR E 104 1.23 23.34 10.12
N VAL E 105 1.99 22.43 10.72
CA VAL E 105 1.80 20.98 10.51
C VAL E 105 0.44 20.51 11.02
N THR E 106 0.04 20.97 12.21
CA THR E 106 -1.28 20.57 12.76
C THR E 106 -2.47 21.38 12.23
N ALA E 107 -2.25 22.39 11.38
CA ALA E 107 -3.33 23.22 10.87
C ALA E 107 -4.33 22.48 10.00
N SER E 108 -3.90 21.33 9.46
CA SER E 108 -4.78 20.48 8.64
C SER E 108 -5.48 19.38 9.49
N TRP E 109 -5.16 19.31 10.77
CA TRP E 109 -5.72 18.28 11.65
C TRP E 109 -6.89 18.88 12.40
N ARG E 110 -8.03 18.19 12.45
CA ARG E 110 -9.24 18.71 13.12
C ARG E 110 -8.95 19.33 14.52
N SER E 111 -8.04 18.71 15.26
CA SER E 111 -7.79 19.08 16.64
C SER E 111 -6.56 20.02 16.76
N GLY E 112 -6.03 20.49 15.65
CA GLY E 112 -4.85 21.34 15.63
C GLY E 112 -5.11 22.78 16.02
N PRO E 113 -5.94 23.45 15.25
CA PRO E 113 -6.23 24.87 15.45
C PRO E 113 -6.73 25.25 16.81
N ASP E 114 -6.34 26.44 17.22
CA ASP E 114 -6.65 27.04 18.48
C ASP E 114 -7.87 27.87 18.43
N TYR E 115 -8.12 28.41 17.27
CA TYR E 115 -9.23 29.28 17.06
C TYR E 115 -9.98 28.95 15.80
N TRP E 116 -11.27 29.03 15.91
CA TRP E 116 -12.17 28.78 14.78
C TRP E 116 -13.16 29.96 14.62
N GLY E 117 -13.58 30.23 13.39
CA GLY E 117 -14.68 31.17 13.13
C GLY E 117 -16.01 30.42 13.33
N GLN E 118 -17.14 31.14 13.22
CA GLN E 118 -18.46 30.54 13.39
C GLN E 118 -18.93 29.86 12.12
N GLY E 119 -18.22 30.08 11.03
CA GLY E 119 -18.52 29.46 9.75
C GLY E 119 -19.44 30.29 8.86
N THR E 120 -19.49 29.99 7.58
CA THR E 120 -20.41 30.67 6.68
C THR E 120 -20.95 29.65 5.67
N GLN E 121 -22.28 29.62 5.48
CA GLN E 121 -22.91 28.68 4.51
C GLN E 121 -22.49 28.97 3.07
N VAL E 122 -22.10 27.91 2.36
CA VAL E 122 -21.85 28.02 0.92
C VAL E 122 -22.77 26.96 0.34
N THR E 123 -23.66 27.38 -0.55
CA THR E 123 -24.63 26.44 -1.17
C THR E 123 -24.51 26.45 -2.67
N VAL E 124 -24.15 25.31 -3.25
CA VAL E 124 -23.93 25.25 -4.71
C VAL E 124 -25.08 24.48 -5.34
N SER E 125 -25.87 25.14 -6.18
CA SER E 125 -27.12 24.55 -6.63
C SER E 125 -26.93 23.95 -7.99
N SER E 126 -27.57 22.81 -8.22
CA SER E 126 -27.57 22.22 -9.58
C SER E 126 -28.38 23.10 -10.52
NA NA F . 2.01 -7.26 -16.93
S SO4 G . 13.12 -1.29 -6.14
O1 SO4 G . 13.31 -1.89 -4.81
O2 SO4 G . 11.85 -1.79 -6.65
O3 SO4 G . 13.13 0.17 -6.00
O4 SO4 G . 14.21 -1.63 -7.09
S SO4 H . -2.21 37.27 19.16
O1 SO4 H . -0.77 37.45 19.39
O2 SO4 H . -2.57 35.87 19.44
O3 SO4 H . -3.02 38.16 20.02
O4 SO4 H . -2.55 37.55 17.80
#